data_5CVI
#
_entry.id   5CVI
#
_cell.length_a   60.432
_cell.length_b   60.432
_cell.length_c   298.780
_cell.angle_alpha   90.000
_cell.angle_beta   90.000
_cell.angle_gamma   90.000
#
_symmetry.space_group_name_H-M   'P 41 21 2'
#
loop_
_entity.id
_entity.type
_entity.pdbx_description
1 polymer SloR
2 non-polymer 'ZINC ION'
3 non-polymer 1,2-ETHANEDIOL
4 water water
#
_entity_poly.entity_id   1
_entity_poly.type   'polypeptide(L)'
_entity_poly.pdbx_seq_one_letter_code
;(MSE)TPNKEDYLKIIYELSERDEKISNKQIAEK(MSE)SVSAPAVSE(MSE)VKKLLLEDLVLKDKQAGYLLTKKGQIL
ASSLYRKHRLIEVFL(MSE)NHLNYTADEIHEEAEVLEHTVSDVFVERLDKFLNYPKVCPHGGTIPQHGQPLVERYRTTL
KGVTE(MSE)GVYLLKRVQDNFQLLKY(MSE)EQHHLKIGDELRLLEYDAFAGAYTIEKDGEQLQVTSAVASQIYIEKK
;
_entity_poly.pdbx_strand_id   A,B
#
loop_
_chem_comp.id
_chem_comp.type
_chem_comp.name
_chem_comp.formula
EDO non-polymer 1,2-ETHANEDIOL 'C2 H6 O2'
ZN non-polymer 'ZINC ION' 'Zn 2'
#
# COMPACT_ATOMS: atom_id res chain seq x y z
N PRO A 3 12.35 8.62 -7.40
CA PRO A 3 13.13 7.60 -6.69
C PRO A 3 13.87 8.19 -5.50
N ASN A 4 13.43 7.88 -4.28
CA ASN A 4 14.06 8.41 -3.08
C ASN A 4 15.45 7.82 -2.85
N LYS A 5 16.12 8.27 -1.79
CA LYS A 5 17.48 7.83 -1.50
C LYS A 5 17.58 6.32 -1.30
N GLU A 6 16.53 5.73 -0.73
CA GLU A 6 16.52 4.30 -0.44
C GLU A 6 16.61 3.47 -1.72
N ASP A 7 16.14 4.03 -2.82
CA ASP A 7 16.21 3.35 -4.10
C ASP A 7 17.65 3.22 -4.58
N TYR A 8 18.45 4.23 -4.27
CA TYR A 8 19.86 4.26 -4.64
C TYR A 8 20.64 3.15 -3.93
N LEU A 9 20.22 2.79 -2.73
CA LEU A 9 20.85 1.72 -1.98
C LEU A 9 20.71 0.38 -2.71
N LYS A 10 19.50 0.10 -3.18
CA LYS A 10 19.24 -1.14 -3.90
C LYS A 10 20.05 -1.22 -5.18
N ILE A 11 20.35 -0.07 -5.76
CA ILE A 11 21.17 -0.02 -6.98
C ILE A 11 22.64 -0.27 -6.67
N ILE A 12 23.13 0.33 -5.59
CA ILE A 12 24.51 0.12 -5.18
C ILE A 12 24.73 -1.33 -4.72
N TYR A 13 23.74 -1.86 -4.00
CA TYR A 13 23.81 -3.22 -3.48
C TYR A 13 23.95 -4.27 -4.59
N GLU A 14 23.16 -4.13 -5.65
CA GLU A 14 23.18 -5.11 -6.74
C GLU A 14 24.27 -4.81 -7.76
N LEU A 15 24.84 -3.61 -7.66
CA LEU A 15 25.99 -3.24 -8.49
C LEU A 15 27.28 -3.69 -7.83
N SER A 16 27.17 -4.13 -6.57
CA SER A 16 28.32 -4.61 -5.83
C SER A 16 28.61 -6.07 -6.16
N GLU A 17 27.61 -6.76 -6.66
CA GLU A 17 27.78 -8.15 -7.09
C GLU A 17 28.74 -8.22 -8.27
N ARG A 18 28.87 -7.11 -8.99
CA ARG A 18 29.74 -7.07 -10.17
C ARG A 18 31.18 -6.73 -9.81
N ASP A 19 32.12 -7.49 -10.37
CA ASP A 19 33.54 -7.32 -10.08
C ASP A 19 34.05 -5.92 -10.45
N GLU A 20 33.34 -5.25 -11.34
CA GLU A 20 33.71 -3.89 -11.75
C GLU A 20 33.42 -2.88 -10.64
N LYS A 21 34.23 -1.83 -10.57
CA LYS A 21 34.04 -0.78 -9.58
C LYS A 21 32.91 0.15 -10.00
N ILE A 22 32.22 0.71 -9.01
CA ILE A 22 31.05 1.55 -9.26
C ILE A 22 31.41 3.02 -9.44
N SER A 23 30.81 3.65 -10.45
CA SER A 23 31.00 5.08 -10.69
C SER A 23 29.67 5.83 -10.63
N ASN A 24 29.74 7.16 -10.52
CA ASN A 24 28.54 7.99 -10.52
C ASN A 24 27.84 8.00 -11.88
N LYS A 25 28.63 7.99 -12.94
CA LYS A 25 28.06 8.07 -14.30
C LYS A 25 27.37 6.77 -14.71
N GLN A 26 27.79 5.65 -14.14
CA GLN A 26 27.17 4.36 -14.46
C GLN A 26 25.89 4.14 -13.66
N ILE A 27 25.83 4.75 -12.48
CA ILE A 27 24.63 4.66 -11.64
C ILE A 27 23.47 5.45 -12.26
N ALA A 28 23.77 6.64 -12.77
CA ALA A 28 22.77 7.46 -13.43
C ALA A 28 22.26 6.80 -14.70
N GLU A 29 23.06 5.90 -15.25
CA GLU A 29 22.67 5.12 -16.42
C GLU A 29 21.80 3.93 -16.01
N LYS A 30 22.20 3.25 -14.94
CA LYS A 30 21.50 2.08 -14.44
C LYS A 30 20.03 2.37 -14.16
N MSE A 31 19.77 3.50 -13.49
CA MSE A 31 18.41 3.91 -13.19
C MSE A 31 17.96 5.11 -14.03
O MSE A 31 16.96 5.75 -13.71
CB MSE A 31 18.22 4.19 -11.69
CG MSE A 31 19.32 4.99 -11.03
SE MSE A 31 18.94 5.31 -9.13
CE MSE A 31 20.59 4.63 -8.37
N SER A 32 18.72 5.39 -15.09
CA SER A 32 18.37 6.43 -16.06
C SER A 32 17.88 7.73 -15.43
N VAL A 33 18.76 8.40 -14.69
CA VAL A 33 18.40 9.67 -14.06
C VAL A 33 19.53 10.68 -14.27
N SER A 34 19.27 11.94 -13.92
CA SER A 34 20.23 13.03 -14.08
C SER A 34 21.59 12.71 -13.44
N ALA A 35 22.66 13.13 -14.11
CA ALA A 35 24.02 12.85 -13.66
C ALA A 35 24.31 13.41 -12.26
N PRO A 36 24.19 14.73 -12.10
CA PRO A 36 24.47 15.35 -10.80
C PRO A 36 23.42 14.95 -9.75
N ALA A 37 22.26 14.50 -10.22
CA ALA A 37 21.21 14.04 -9.32
C ALA A 37 21.70 12.85 -8.50
N VAL A 38 22.52 12.02 -9.13
CA VAL A 38 23.16 10.90 -8.45
C VAL A 38 24.12 11.42 -7.38
N SER A 39 24.83 12.49 -7.72
CA SER A 39 25.75 13.12 -6.78
C SER A 39 24.98 13.73 -5.61
N GLU A 40 23.91 14.45 -5.92
CA GLU A 40 23.07 15.07 -4.91
C GLU A 40 22.52 14.04 -3.93
N MSE A 41 22.25 12.84 -4.43
CA MSE A 41 21.66 11.78 -3.62
C MSE A 41 22.72 10.95 -2.92
O MSE A 41 22.62 10.68 -1.72
CB MSE A 41 20.78 10.88 -4.49
CG MSE A 41 19.81 10.03 -3.69
SE MSE A 41 18.63 11.14 -2.62
CE MSE A 41 17.72 12.09 -4.07
N VAL A 42 23.73 10.51 -3.66
CA VAL A 42 24.83 9.73 -3.11
C VAL A 42 25.56 10.50 -2.01
N LYS A 43 25.59 11.82 -2.16
CA LYS A 43 26.20 12.69 -1.15
C LYS A 43 25.41 12.61 0.16
N LYS A 44 24.10 12.43 0.06
CA LYS A 44 23.25 12.27 1.23
C LYS A 44 23.47 10.91 1.87
N LEU A 45 23.73 9.90 1.03
CA LEU A 45 24.00 8.55 1.51
C LEU A 45 25.30 8.52 2.33
N LEU A 46 26.28 9.28 1.87
CA LEU A 46 27.58 9.31 2.53
C LEU A 46 27.53 10.04 3.87
N LEU A 47 26.61 10.99 3.99
CA LEU A 47 26.43 11.72 5.25
C LEU A 47 25.82 10.85 6.32
N GLU A 48 24.80 10.09 5.95
CA GLU A 48 24.09 9.24 6.91
C GLU A 48 24.80 7.90 7.10
N ASP A 49 25.94 7.75 6.44
CA ASP A 49 26.74 6.52 6.51
C ASP A 49 25.97 5.29 6.07
N LEU A 50 25.22 5.42 4.98
CA LEU A 50 24.55 4.28 4.36
C LEU A 50 25.51 3.60 3.39
N VAL A 51 26.38 4.40 2.78
CA VAL A 51 27.43 3.88 1.91
C VAL A 51 28.73 4.63 2.18
N LEU A 52 29.81 4.19 1.54
CA LEU A 52 31.10 4.86 1.68
C LEU A 52 31.97 4.63 0.46
N LYS A 53 32.88 5.58 0.21
CA LYS A 53 33.78 5.48 -0.93
C LYS A 53 34.88 4.45 -0.69
N ASP A 54 35.17 3.68 -1.73
CA ASP A 54 36.26 2.71 -1.69
C ASP A 54 36.88 2.64 -3.08
N LYS A 55 38.13 3.09 -3.19
CA LYS A 55 38.81 3.20 -4.48
C LYS A 55 38.92 1.87 -5.23
N GLN A 56 38.64 0.76 -4.55
CA GLN A 56 38.73 -0.56 -5.15
C GLN A 56 37.36 -1.05 -5.65
N ALA A 57 36.30 -0.47 -5.13
CA ALA A 57 34.94 -0.88 -5.51
C ALA A 57 34.03 0.32 -5.80
N GLY A 58 34.49 1.51 -5.47
CA GLY A 58 33.70 2.71 -5.66
C GLY A 58 32.84 3.02 -4.45
N TYR A 59 31.70 2.33 -4.34
CA TYR A 59 30.82 2.50 -3.20
C TYR A 59 30.51 1.16 -2.54
N LEU A 60 30.48 1.15 -1.21
CA LEU A 60 30.14 -0.05 -0.45
C LEU A 60 29.00 0.23 0.53
N LEU A 61 28.14 -0.76 0.73
CA LEU A 61 27.06 -0.65 1.71
C LEU A 61 27.57 -0.95 3.12
N THR A 62 27.28 -0.05 4.05
CA THR A 62 27.62 -0.26 5.45
C THR A 62 26.63 -1.25 6.04
N LYS A 63 26.85 -1.65 7.29
CA LYS A 63 25.95 -2.59 7.95
C LYS A 63 24.53 -2.01 8.06
N LYS A 64 24.44 -0.71 8.26
CA LYS A 64 23.14 -0.04 8.30
C LYS A 64 22.50 -0.05 6.91
N GLY A 65 23.31 0.24 5.89
CA GLY A 65 22.84 0.19 4.52
C GLY A 65 22.36 -1.19 4.13
N GLN A 66 23.07 -2.20 4.61
CA GLN A 66 22.74 -3.60 4.31
C GLN A 66 21.34 -3.99 4.83
N ILE A 67 21.12 -3.80 6.13
CA ILE A 67 19.84 -4.19 6.73
C ILE A 67 18.70 -3.29 6.25
N LEU A 68 19.03 -2.03 5.95
CA LEU A 68 18.04 -1.10 5.44
C LEU A 68 17.57 -1.50 4.05
N ALA A 69 18.51 -1.82 3.17
CA ALA A 69 18.17 -2.33 1.86
C ALA A 69 17.59 -3.74 1.98
N SER A 70 18.07 -4.48 2.96
CA SER A 70 17.57 -5.82 3.23
C SER A 70 16.08 -5.78 3.56
N SER A 71 15.69 -4.77 4.34
CA SER A 71 14.28 -4.57 4.67
C SER A 71 13.50 -4.17 3.42
N LEU A 72 14.11 -3.35 2.57
CA LEU A 72 13.47 -2.92 1.33
C LEU A 72 13.15 -4.10 0.42
N TYR A 73 14.12 -4.99 0.25
CA TYR A 73 13.91 -6.18 -0.57
C TYR A 73 12.81 -7.07 0.03
N ARG A 74 12.78 -7.18 1.35
CA ARG A 74 11.74 -7.94 2.03
C ARG A 74 10.36 -7.38 1.68
N LYS A 75 10.15 -6.09 1.91
CA LYS A 75 8.90 -5.44 1.56
C LYS A 75 8.55 -5.72 0.11
N HIS A 76 9.46 -5.33 -0.78
CA HIS A 76 9.26 -5.42 -2.22
C HIS A 76 8.82 -6.82 -2.64
N ARG A 77 9.51 -7.83 -2.12
CA ARG A 77 9.26 -9.20 -2.54
C ARG A 77 7.98 -9.81 -1.98
N LEU A 78 7.67 -9.53 -0.71
CA LEU A 78 6.40 -9.97 -0.14
C LEU A 78 5.23 -9.37 -0.91
N ILE A 79 5.37 -8.10 -1.30
CA ILE A 79 4.37 -7.44 -2.12
C ILE A 79 4.25 -8.08 -3.50
N GLU A 80 5.38 -8.56 -4.04
CA GLU A 80 5.37 -9.20 -5.35
C GLU A 80 4.60 -10.51 -5.31
N VAL A 81 4.81 -11.31 -4.27
CA VAL A 81 4.11 -12.57 -4.10
C VAL A 81 2.60 -12.36 -4.01
N PHE A 82 2.20 -11.31 -3.30
CA PHE A 82 0.78 -11.02 -3.14
C PHE A 82 0.14 -10.55 -4.44
N LEU A 83 0.81 -9.64 -5.13
CA LEU A 83 0.29 -9.06 -6.36
C LEU A 83 0.09 -10.12 -7.43
N MSE A 84 1.00 -11.08 -7.49
CA MSE A 84 0.98 -12.06 -8.56
C MSE A 84 0.10 -13.27 -8.26
O MSE A 84 -0.69 -13.69 -9.11
CB MSE A 84 2.40 -12.52 -8.89
CG MSE A 84 2.46 -13.43 -10.11
SE MSE A 84 4.21 -13.49 -10.93
CE MSE A 84 4.55 -11.57 -11.06
N ASN A 85 0.22 -13.82 -7.06
CA ASN A 85 -0.50 -15.02 -6.70
C ASN A 85 -1.94 -14.77 -6.24
N HIS A 86 -2.22 -13.56 -5.82
CA HIS A 86 -3.54 -13.22 -5.27
C HIS A 86 -4.30 -12.16 -6.06
N LEU A 87 -3.59 -11.18 -6.61
CA LEU A 87 -4.24 -10.16 -7.44
C LEU A 87 -4.00 -10.41 -8.92
N ASN A 88 -3.32 -11.52 -9.22
CA ASN A 88 -3.11 -11.95 -10.61
C ASN A 88 -2.37 -10.94 -11.48
N TYR A 89 -1.38 -10.27 -10.90
CA TYR A 89 -0.54 -9.34 -11.65
C TYR A 89 0.41 -10.11 -12.56
N THR A 90 0.64 -9.59 -13.76
CA THR A 90 1.66 -10.16 -14.64
C THR A 90 3.02 -9.57 -14.30
N ALA A 91 4.08 -10.12 -14.91
CA ALA A 91 5.44 -9.71 -14.59
C ALA A 91 5.74 -8.26 -15.01
N ASP A 92 5.06 -7.78 -16.05
CA ASP A 92 5.28 -6.43 -16.56
C ASP A 92 4.57 -5.37 -15.72
N GLU A 93 3.76 -5.80 -14.76
CA GLU A 93 2.90 -4.89 -14.01
C GLU A 93 3.31 -4.71 -12.55
N ILE A 94 4.10 -5.65 -12.03
CA ILE A 94 4.33 -5.75 -10.60
C ILE A 94 5.33 -4.74 -10.01
N HIS A 95 6.28 -4.27 -10.82
CA HIS A 95 7.36 -3.46 -10.28
C HIS A 95 6.91 -2.11 -9.74
N GLU A 96 6.32 -1.27 -10.59
CA GLU A 96 5.94 0.08 -10.19
C GLU A 96 4.94 0.05 -9.03
N GLU A 97 4.07 -0.96 -9.03
CA GLU A 97 3.11 -1.13 -7.94
C GLU A 97 3.84 -1.46 -6.64
N ALA A 98 4.72 -2.46 -6.71
CA ALA A 98 5.48 -2.91 -5.55
C ALA A 98 6.47 -1.83 -5.11
N GLU A 99 6.90 -1.03 -6.07
CA GLU A 99 7.84 0.05 -5.83
C GLU A 99 7.21 1.14 -4.98
N VAL A 100 5.98 1.50 -5.30
CA VAL A 100 5.25 2.52 -4.55
C VAL A 100 4.91 2.04 -3.14
N LEU A 101 4.42 0.81 -3.04
CA LEU A 101 3.98 0.25 -1.77
C LEU A 101 5.08 0.04 -0.74
N GLU A 102 6.28 -0.30 -1.21
CA GLU A 102 7.40 -0.55 -0.29
C GLU A 102 7.80 0.73 0.45
N HIS A 103 7.41 1.88 -0.08
CA HIS A 103 7.72 3.15 0.55
C HIS A 103 6.53 3.74 1.30
N THR A 104 5.43 3.01 1.32
CA THR A 104 4.21 3.47 1.99
C THR A 104 3.45 2.30 2.59
N VAL A 105 4.07 1.64 3.56
CA VAL A 105 3.46 0.48 4.21
C VAL A 105 4.13 0.22 5.54
N SER A 106 3.33 0.03 6.58
CA SER A 106 3.87 -0.14 7.92
C SER A 106 4.52 -1.51 8.07
N ASP A 107 5.41 -1.61 9.06
CA ASP A 107 6.05 -2.89 9.36
CA ASP A 107 6.05 -2.88 9.38
C ASP A 107 5.01 -3.91 9.79
N VAL A 108 3.91 -3.41 10.37
CA VAL A 108 2.82 -4.27 10.79
C VAL A 108 2.17 -4.89 9.57
N PHE A 109 1.94 -4.08 8.54
CA PHE A 109 1.39 -4.55 7.28
C PHE A 109 2.29 -5.63 6.68
N VAL A 110 3.58 -5.33 6.62
CA VAL A 110 4.55 -6.26 6.04
C VAL A 110 4.60 -7.57 6.83
N GLU A 111 4.51 -7.46 8.15
CA GLU A 111 4.63 -8.61 9.01
C GLU A 111 3.36 -9.47 9.04
N ARG A 112 2.24 -8.87 8.67
CA ARG A 112 0.98 -9.59 8.64
C ARG A 112 0.72 -10.21 7.28
N LEU A 113 1.12 -9.50 6.23
CA LEU A 113 1.03 -10.04 4.88
C LEU A 113 1.92 -11.27 4.77
N ASP A 114 3.06 -11.23 5.47
CA ASP A 114 4.00 -12.34 5.51
C ASP A 114 3.28 -13.60 6.00
N LYS A 115 2.60 -13.47 7.13
CA LYS A 115 1.84 -14.59 7.71
C LYS A 115 0.74 -15.05 6.76
N PHE A 116 0.02 -14.09 6.20
CA PHE A 116 -1.09 -14.37 5.30
C PHE A 116 -0.65 -15.18 4.08
N LEU A 117 0.53 -14.86 3.56
CA LEU A 117 1.09 -15.55 2.40
C LEU A 117 1.73 -16.88 2.81
N ASN A 118 1.68 -17.18 4.10
CA ASN A 118 2.25 -18.42 4.63
C ASN A 118 3.77 -18.45 4.52
N TYR A 119 4.40 -17.33 4.83
CA TYR A 119 5.86 -17.22 4.87
C TYR A 119 6.52 -17.70 3.59
N PRO A 120 6.27 -17.02 2.47
CA PRO A 120 6.94 -17.38 1.21
C PRO A 120 8.44 -17.16 1.34
N LYS A 121 9.24 -18.09 0.81
CA LYS A 121 10.69 -18.02 0.98
C LYS A 121 11.41 -17.40 -0.22
N VAL A 122 10.75 -17.41 -1.37
CA VAL A 122 11.31 -16.79 -2.57
C VAL A 122 10.26 -15.94 -3.27
N CYS A 123 10.71 -14.90 -3.96
CA CYS A 123 9.82 -14.06 -4.74
C CYS A 123 9.78 -14.58 -6.17
N PRO A 124 8.90 -14.00 -7.01
CA PRO A 124 8.76 -14.37 -8.42
C PRO A 124 10.07 -14.44 -9.20
N HIS A 125 11.08 -13.69 -8.78
CA HIS A 125 12.36 -13.69 -9.48
C HIS A 125 13.30 -14.77 -8.96
N GLY A 126 12.86 -15.48 -7.93
CA GLY A 126 13.69 -16.47 -7.28
C GLY A 126 14.51 -15.85 -6.16
N GLY A 127 14.21 -14.59 -5.85
CA GLY A 127 14.90 -13.87 -4.79
C GLY A 127 14.47 -14.31 -3.41
N THR A 128 15.43 -14.44 -2.50
CA THR A 128 15.14 -14.89 -1.14
C THR A 128 14.44 -13.81 -0.33
N ILE A 129 13.48 -14.23 0.49
CA ILE A 129 12.79 -13.30 1.38
C ILE A 129 13.29 -13.47 2.82
N PRO A 130 14.05 -12.47 3.31
CA PRO A 130 14.61 -12.56 4.66
C PRO A 130 13.56 -12.26 5.72
N GLN A 131 13.92 -12.46 6.99
CA GLN A 131 13.02 -12.18 8.10
C GLN A 131 13.15 -10.73 8.54
N HIS A 132 12.24 -10.28 9.41
CA HIS A 132 12.28 -8.93 9.94
C HIS A 132 13.58 -8.68 10.68
N GLY A 133 14.32 -7.65 10.25
CA GLY A 133 15.56 -7.27 10.90
C GLY A 133 16.72 -8.19 10.57
N GLN A 134 16.45 -9.27 9.85
CA GLN A 134 17.50 -10.20 9.45
C GLN A 134 18.16 -9.74 8.15
N PRO A 135 19.50 -9.86 8.09
CA PRO A 135 20.27 -9.46 6.90
C PRO A 135 19.97 -10.39 5.71
N LEU A 136 20.02 -9.84 4.50
CA LEU A 136 19.68 -10.61 3.31
C LEU A 136 20.86 -11.43 2.78
N VAL A 137 20.66 -12.74 2.70
CA VAL A 137 21.62 -13.62 2.05
C VAL A 137 20.91 -14.49 1.03
N GLU A 138 21.15 -14.19 -0.25
CA GLU A 138 20.49 -14.91 -1.34
C GLU A 138 20.88 -16.39 -1.34
N ARG A 139 19.88 -17.27 -1.43
CA ARG A 139 20.16 -18.70 -1.50
C ARG A 139 20.85 -19.00 -2.81
N TYR A 140 20.46 -18.28 -3.85
CA TYR A 140 21.02 -18.44 -5.18
C TYR A 140 21.96 -17.28 -5.49
N ARG A 141 23.25 -17.48 -5.24
CA ARG A 141 24.24 -16.40 -5.40
C ARG A 141 25.09 -16.57 -6.66
N THR A 142 25.09 -17.75 -7.24
CA THR A 142 25.98 -18.04 -8.36
C THR A 142 25.44 -17.50 -9.69
N THR A 143 26.13 -16.51 -10.23
CA THR A 143 25.71 -15.89 -11.48
C THR A 143 26.36 -16.61 -12.68
N LEU A 144 25.67 -16.62 -13.81
CA LEU A 144 26.18 -17.31 -15.00
C LEU A 144 27.54 -16.75 -15.44
N LYS A 145 27.73 -15.45 -15.26
CA LYS A 145 29.01 -14.82 -15.53
C LYS A 145 30.04 -15.27 -14.49
N GLY A 146 30.92 -16.18 -14.89
CA GLY A 146 31.96 -16.66 -14.00
C GLY A 146 32.10 -18.18 -13.95
N VAL A 147 30.98 -18.89 -14.10
CA VAL A 147 30.99 -20.35 -14.07
C VAL A 147 31.84 -20.93 -15.20
N THR A 148 32.62 -21.95 -14.87
CA THR A 148 33.56 -22.53 -15.82
C THR A 148 33.26 -23.99 -16.11
N GLU A 149 32.80 -24.72 -15.10
CA GLU A 149 32.46 -26.13 -15.24
C GLU A 149 31.36 -26.35 -16.28
N MSE A 150 31.55 -27.34 -17.15
CA MSE A 150 30.52 -27.72 -18.10
C MSE A 150 29.46 -28.56 -17.40
O MSE A 150 29.72 -29.12 -16.32
CB MSE A 150 31.12 -28.50 -19.27
CG MSE A 150 31.45 -29.94 -18.95
SE MSE A 150 32.56 -30.78 -20.31
CE MSE A 150 34.18 -29.77 -20.01
N GLY A 151 28.28 -28.66 -17.98
CA GLY A 151 27.21 -29.48 -17.41
C GLY A 151 25.83 -28.87 -17.56
N VAL A 152 24.88 -29.43 -16.84
CA VAL A 152 23.49 -28.96 -16.90
C VAL A 152 23.13 -28.18 -15.64
N TYR A 153 22.85 -26.89 -15.81
CA TYR A 153 22.51 -26.01 -14.70
C TYR A 153 21.03 -25.66 -14.70
N LEU A 154 20.53 -25.25 -13.53
CA LEU A 154 19.13 -24.85 -13.41
C LEU A 154 19.00 -23.36 -13.17
N LEU A 155 18.17 -22.71 -13.98
CA LEU A 155 17.90 -21.28 -13.81
C LEU A 155 17.03 -21.06 -12.57
N LYS A 156 17.65 -20.57 -11.50
CA LYS A 156 16.98 -20.48 -10.20
C LYS A 156 16.52 -19.07 -9.84
N ARG A 157 17.20 -18.07 -10.40
CA ARG A 157 16.92 -16.69 -10.02
C ARG A 157 17.33 -15.71 -11.11
N VAL A 158 16.63 -14.57 -11.15
CA VAL A 158 16.94 -13.52 -12.10
C VAL A 158 16.87 -12.16 -11.41
N GLN A 159 17.52 -11.16 -11.99
CA GLN A 159 17.46 -9.80 -11.46
C GLN A 159 16.09 -9.20 -11.75
N ASP A 160 15.65 -8.32 -10.86
CA ASP A 160 14.49 -7.49 -11.11
C ASP A 160 14.91 -6.44 -12.13
N ASN A 161 14.62 -6.70 -13.40
CA ASN A 161 14.99 -5.78 -14.47
C ASN A 161 13.98 -5.87 -15.61
N PHE A 162 13.54 -4.72 -16.10
CA PHE A 162 12.54 -4.72 -17.17
C PHE A 162 13.12 -5.29 -18.46
N GLN A 163 14.38 -4.98 -18.73
CA GLN A 163 15.05 -5.44 -19.95
C GLN A 163 15.24 -6.96 -19.94
N LEU A 164 15.49 -7.50 -18.75
CA LEU A 164 15.70 -8.93 -18.60
C LEU A 164 14.39 -9.69 -18.79
N LEU A 165 13.29 -9.08 -18.41
CA LEU A 165 11.97 -9.65 -18.62
C LEU A 165 11.70 -9.84 -20.10
N LYS A 166 11.94 -8.80 -20.89
CA LYS A 166 11.73 -8.87 -22.33
C LYS A 166 12.65 -9.91 -22.96
N TYR A 167 13.91 -9.92 -22.52
CA TYR A 167 14.90 -10.87 -23.03
C TYR A 167 14.44 -12.31 -22.81
N MSE A 168 13.89 -12.58 -21.63
CA MSE A 168 13.48 -13.93 -21.26
C MSE A 168 12.22 -14.41 -21.99
O MSE A 168 12.10 -15.60 -22.28
CB MSE A 168 13.27 -14.04 -19.75
CG MSE A 168 14.53 -13.80 -18.94
SE MSE A 168 14.15 -13.81 -17.03
CE MSE A 168 13.60 -15.67 -16.86
N GLU A 169 11.30 -13.50 -22.27
CA GLU A 169 10.04 -13.90 -22.91
C GLU A 169 10.13 -13.95 -24.44
N GLN A 170 11.16 -13.33 -25.00
CA GLN A 170 11.40 -13.43 -26.44
C GLN A 170 12.40 -14.54 -26.73
N HIS A 171 12.93 -15.13 -25.67
CA HIS A 171 13.74 -16.34 -25.76
C HIS A 171 13.03 -17.49 -25.04
N HIS A 172 11.74 -17.30 -24.76
CA HIS A 172 10.93 -18.24 -23.98
C HIS A 172 11.70 -18.91 -22.84
N LEU A 173 12.28 -18.08 -21.97
CA LEU A 173 13.07 -18.56 -20.85
C LEU A 173 12.31 -18.37 -19.54
N LYS A 174 12.15 -19.45 -18.79
CA LYS A 174 11.45 -19.41 -17.50
C LYS A 174 12.38 -19.83 -16.38
N ILE A 175 12.04 -19.45 -15.15
CA ILE A 175 12.77 -19.90 -13.98
C ILE A 175 12.48 -21.38 -13.72
N GLY A 176 13.53 -22.20 -13.77
CA GLY A 176 13.37 -23.63 -13.62
C GLY A 176 13.87 -24.40 -14.83
N ASP A 177 14.14 -23.69 -15.92
CA ASP A 177 14.65 -24.32 -17.13
C ASP A 177 16.02 -24.94 -16.91
N GLU A 178 16.27 -26.07 -17.55
CA GLU A 178 17.58 -26.71 -17.50
C GLU A 178 18.44 -26.16 -18.63
N LEU A 179 19.58 -25.57 -18.27
CA LEU A 179 20.50 -25.01 -19.25
C LEU A 179 21.83 -25.75 -19.24
N ARG A 180 22.30 -26.16 -20.41
CA ARG A 180 23.60 -26.79 -20.52
C ARG A 180 24.65 -25.81 -21.02
N LEU A 181 25.74 -25.68 -20.26
CA LEU A 181 26.88 -24.85 -20.69
C LEU A 181 27.64 -25.55 -21.80
N LEU A 182 27.87 -24.85 -22.91
CA LEU A 182 28.59 -25.42 -24.03
C LEU A 182 29.95 -24.78 -24.21
N GLU A 183 29.98 -23.46 -24.37
CA GLU A 183 31.23 -22.75 -24.55
C GLU A 183 31.22 -21.34 -23.97
N TYR A 184 32.39 -20.85 -23.58
CA TYR A 184 32.53 -19.50 -23.07
C TYR A 184 33.63 -18.72 -23.80
N ASP A 185 33.27 -17.56 -24.31
CA ASP A 185 34.21 -16.70 -25.03
C ASP A 185 34.85 -15.69 -24.08
N ALA A 186 36.11 -15.93 -23.73
CA ALA A 186 36.83 -15.11 -22.77
C ALA A 186 37.24 -13.74 -23.33
N PHE A 187 37.38 -13.67 -24.66
CA PHE A 187 37.77 -12.42 -25.30
C PHE A 187 36.57 -11.51 -25.50
N ALA A 188 35.47 -12.09 -25.98
CA ALA A 188 34.27 -11.31 -26.26
C ALA A 188 33.44 -11.07 -25.01
N GLY A 189 33.52 -11.99 -24.06
CA GLY A 189 32.70 -11.92 -22.86
C GLY A 189 31.31 -12.43 -23.13
N ALA A 190 31.21 -13.60 -23.76
CA ALA A 190 29.93 -14.20 -24.08
C ALA A 190 29.89 -15.69 -23.74
N TYR A 191 28.71 -16.18 -23.39
CA TYR A 191 28.51 -17.59 -23.09
C TYR A 191 27.60 -18.23 -24.13
N THR A 192 27.69 -19.54 -24.27
CA THR A 192 26.84 -20.28 -25.20
C THR A 192 26.12 -21.40 -24.45
N ILE A 193 24.79 -21.33 -24.42
CA ILE A 193 23.99 -22.31 -23.70
C ILE A 193 23.01 -23.04 -24.61
N GLU A 194 22.48 -24.15 -24.13
CA GLU A 194 21.51 -24.92 -24.89
C GLU A 194 20.33 -25.30 -24.02
N LYS A 195 19.12 -25.10 -24.54
CA LYS A 195 17.90 -25.46 -23.82
C LYS A 195 16.97 -26.24 -24.74
N ASP A 196 16.89 -27.55 -24.52
CA ASP A 196 16.04 -28.41 -25.33
C ASP A 196 16.43 -28.39 -26.81
N GLY A 197 17.73 -28.46 -27.06
CA GLY A 197 18.25 -28.51 -28.42
C GLY A 197 18.57 -27.14 -29.00
N GLU A 198 17.77 -26.14 -28.62
CA GLU A 198 17.94 -24.78 -29.13
C GLU A 198 19.14 -24.09 -28.47
N GLN A 199 20.00 -23.49 -29.29
CA GLN A 199 21.20 -22.82 -28.78
C GLN A 199 21.06 -21.31 -28.73
N LEU A 200 21.68 -20.69 -27.73
CA LEU A 200 21.56 -19.25 -27.52
C LEU A 200 22.88 -18.64 -27.03
N GLN A 201 23.22 -17.47 -27.56
CA GLN A 201 24.44 -16.78 -27.15
C GLN A 201 24.12 -15.61 -26.21
N VAL A 202 24.90 -15.48 -25.15
CA VAL A 202 24.61 -14.51 -24.10
C VAL A 202 25.86 -13.72 -23.69
N THR A 203 25.80 -12.40 -23.90
CA THR A 203 26.89 -11.52 -23.47
C THR A 203 27.07 -11.62 -21.96
N SER A 204 28.29 -11.38 -21.49
CA SER A 204 28.59 -11.51 -20.06
C SER A 204 27.77 -10.52 -19.23
N ALA A 205 27.43 -9.38 -19.81
CA ALA A 205 26.62 -8.37 -19.11
C ALA A 205 25.24 -8.92 -18.77
N VAL A 206 24.65 -9.66 -19.70
CA VAL A 206 23.34 -10.28 -19.47
C VAL A 206 23.47 -11.47 -18.54
N ALA A 207 24.60 -12.17 -18.64
CA ALA A 207 24.86 -13.35 -17.81
C ALA A 207 25.09 -12.99 -16.35
N SER A 208 25.31 -11.70 -16.10
CA SER A 208 25.52 -11.20 -14.75
C SER A 208 24.19 -10.89 -14.09
N GLN A 209 23.12 -11.00 -14.87
CA GLN A 209 21.78 -10.69 -14.39
C GLN A 209 21.00 -11.99 -14.15
N ILE A 210 21.69 -13.11 -14.20
CA ILE A 210 21.05 -14.42 -14.07
C ILE A 210 21.81 -15.36 -13.13
N TYR A 211 21.08 -16.16 -12.36
CA TYR A 211 21.68 -17.02 -11.35
C TYR A 211 21.33 -18.49 -11.57
N ILE A 212 22.36 -19.33 -11.56
CA ILE A 212 22.19 -20.74 -11.90
C ILE A 212 22.79 -21.67 -10.85
N GLU A 213 22.36 -22.92 -10.88
CA GLU A 213 22.92 -23.96 -10.01
C GLU A 213 22.90 -25.30 -10.74
N LYS A 214 23.77 -26.22 -10.30
CA LYS A 214 23.87 -27.52 -10.94
C LYS A 214 22.85 -28.51 -10.38
N MSE B 1 2.32 9.24 10.08
CA MSE B 1 1.18 9.29 9.17
C MSE B 1 0.56 10.68 9.17
O MSE B 1 0.04 11.14 10.19
CB MSE B 1 0.15 8.23 9.56
CG MSE B 1 -0.95 7.99 8.52
SE MSE B 1 -2.39 9.30 8.58
CE MSE B 1 -3.07 8.94 10.36
N THR B 2 0.61 11.37 8.03
CA THR B 2 0.05 12.71 7.91
C THR B 2 -1.06 12.75 6.85
N PRO B 3 -2.29 13.10 7.27
CA PRO B 3 -3.41 13.21 6.33
C PRO B 3 -3.19 14.38 5.38
N ASN B 4 -3.35 14.16 4.09
CA ASN B 4 -3.17 15.24 3.12
C ASN B 4 -4.45 16.08 2.98
N LYS B 5 -4.37 17.11 2.15
CA LYS B 5 -5.50 18.03 1.95
C LYS B 5 -6.80 17.34 1.56
N GLU B 6 -6.69 16.25 0.81
CA GLU B 6 -7.86 15.60 0.21
C GLU B 6 -8.87 15.07 1.24
N ASP B 7 -8.37 14.69 2.42
CA ASP B 7 -9.22 14.14 3.47
C ASP B 7 -10.27 15.12 3.97
N TYR B 8 -10.02 16.41 3.72
CA TYR B 8 -10.98 17.44 4.04
C TYR B 8 -12.25 17.26 3.21
N LEU B 9 -12.07 16.75 1.99
CA LEU B 9 -13.20 16.52 1.09
C LEU B 9 -14.15 15.46 1.61
N LYS B 10 -13.60 14.41 2.24
CA LYS B 10 -14.42 13.33 2.76
C LYS B 10 -15.26 13.76 3.97
N ILE B 11 -14.70 14.65 4.79
CA ILE B 11 -15.42 15.15 5.95
C ILE B 11 -16.51 16.13 5.53
N ILE B 12 -16.20 16.97 4.55
CA ILE B 12 -17.17 17.91 4.00
C ILE B 12 -18.31 17.15 3.30
N TYR B 13 -17.96 16.01 2.71
CA TYR B 13 -18.91 15.20 1.98
C TYR B 13 -20.08 14.76 2.87
N GLU B 14 -19.76 14.17 4.01
CA GLU B 14 -20.80 13.66 4.91
C GLU B 14 -21.54 14.79 5.62
N LEU B 15 -20.84 15.88 5.90
CA LEU B 15 -21.46 17.06 6.52
C LEU B 15 -22.56 17.59 5.62
N SER B 16 -22.29 17.59 4.31
CA SER B 16 -23.27 18.04 3.33
C SER B 16 -24.46 17.09 3.26
N GLU B 17 -24.20 15.80 3.47
CA GLU B 17 -25.26 14.79 3.47
C GLU B 17 -26.12 14.90 4.73
N ARG B 18 -25.49 15.20 5.86
CA ARG B 18 -26.22 15.36 7.11
C ARG B 18 -26.87 16.75 7.19
N ASP B 19 -26.48 17.63 6.28
CA ASP B 19 -27.05 18.97 6.18
C ASP B 19 -26.80 19.77 7.46
N GLU B 20 -25.52 19.94 7.79
CA GLU B 20 -25.11 20.71 8.95
C GLU B 20 -23.74 21.31 8.67
N LYS B 21 -23.37 22.34 9.42
CA LYS B 21 -22.08 22.98 9.21
C LYS B 21 -21.33 23.30 10.51
N ILE B 22 -20.03 22.99 10.51
CA ILE B 22 -19.16 23.31 11.63
C ILE B 22 -18.02 24.20 11.14
N SER B 23 -17.25 24.76 12.08
CA SER B 23 -16.12 25.61 11.70
C SER B 23 -14.95 24.77 11.21
N ASN B 24 -13.97 25.42 10.58
CA ASN B 24 -12.78 24.73 10.12
C ASN B 24 -11.92 24.21 11.27
N LYS B 25 -12.04 24.84 12.44
CA LYS B 25 -11.28 24.42 13.62
C LYS B 25 -11.84 23.11 14.19
N GLN B 26 -13.16 22.95 14.11
CA GLN B 26 -13.79 21.72 14.58
C GLN B 26 -13.49 20.57 13.62
N ILE B 27 -13.41 20.89 12.33
CA ILE B 27 -13.02 19.91 11.32
C ILE B 27 -11.56 19.49 11.53
N ALA B 28 -10.72 20.45 11.87
CA ALA B 28 -9.31 20.19 12.15
C ALA B 28 -9.16 19.26 13.36
N GLU B 29 -10.06 19.42 14.32
CA GLU B 29 -10.08 18.59 15.53
C GLU B 29 -10.28 17.12 15.17
N LYS B 30 -11.43 16.80 14.60
CA LYS B 30 -11.76 15.42 14.24
C LYS B 30 -10.82 14.86 13.18
N MSE B 31 -10.05 15.74 12.58
CA MSE B 31 -9.10 15.36 11.54
C MSE B 31 -7.73 15.12 12.16
O MSE B 31 -6.79 14.67 11.49
CB MSE B 31 -9.01 16.48 10.50
CG MSE B 31 -8.43 16.07 9.17
SE MSE B 31 -8.99 17.29 7.76
CE MSE B 31 -10.89 16.88 7.76
N SER B 32 -7.62 15.42 13.45
CA SER B 32 -6.37 15.27 14.20
C SER B 32 -5.22 16.04 13.55
N VAL B 33 -5.41 17.34 13.37
CA VAL B 33 -4.39 18.21 12.81
C VAL B 33 -4.59 19.64 13.32
N SER B 34 -3.54 20.46 13.27
CA SER B 34 -3.62 21.83 13.76
C SER B 34 -4.58 22.67 12.93
N ALA B 35 -5.12 23.72 13.55
CA ALA B 35 -6.03 24.64 12.86
C ALA B 35 -5.35 25.31 11.66
N PRO B 36 -4.15 25.87 11.87
CA PRO B 36 -3.42 26.49 10.75
C PRO B 36 -3.09 25.49 9.65
N ALA B 37 -3.09 24.20 9.99
CA ALA B 37 -2.86 23.16 9.00
C ALA B 37 -4.04 23.00 8.04
N VAL B 38 -5.25 22.95 8.60
CA VAL B 38 -6.44 22.81 7.78
C VAL B 38 -6.66 24.04 6.91
N SER B 39 -6.24 25.20 7.41
CA SER B 39 -6.36 26.44 6.67
C SER B 39 -5.49 26.39 5.40
N GLU B 40 -4.35 25.71 5.48
CA GLU B 40 -3.47 25.57 4.34
C GLU B 40 -4.01 24.51 3.37
N MSE B 41 -4.65 23.48 3.93
CA MSE B 41 -5.26 22.43 3.11
C MSE B 41 -6.43 22.98 2.29
O MSE B 41 -6.52 22.73 1.09
CB MSE B 41 -5.74 21.27 3.99
CG MSE B 41 -4.67 20.70 4.92
SE MSE B 41 -5.27 19.09 5.86
CE MSE B 41 -7.15 19.58 6.09
N VAL B 42 -7.32 23.71 2.95
CA VAL B 42 -8.46 24.31 2.28
C VAL B 42 -7.99 25.34 1.26
N LYS B 43 -6.89 26.02 1.58
CA LYS B 43 -6.28 26.98 0.66
C LYS B 43 -5.87 26.28 -0.64
N LYS B 44 -5.24 25.12 -0.50
CA LYS B 44 -4.81 24.34 -1.66
C LYS B 44 -6.01 23.79 -2.43
N LEU B 45 -7.03 23.37 -1.70
CA LEU B 45 -8.23 22.78 -2.31
C LEU B 45 -9.00 23.80 -3.14
N LEU B 46 -8.95 25.06 -2.73
CA LEU B 46 -9.61 26.14 -3.48
C LEU B 46 -8.90 26.40 -4.81
N LEU B 47 -7.58 26.36 -4.79
CA LEU B 47 -6.76 26.61 -5.97
C LEU B 47 -6.91 25.48 -6.99
N GLU B 48 -7.07 24.26 -6.49
CA GLU B 48 -7.17 23.08 -7.35
C GLU B 48 -8.62 22.75 -7.68
N ASP B 49 -9.51 23.70 -7.38
CA ASP B 49 -10.91 23.62 -7.79
C ASP B 49 -11.62 22.40 -7.23
N LEU B 50 -11.34 22.08 -5.96
CA LEU B 50 -11.96 20.94 -5.32
C LEU B 50 -13.09 21.36 -4.37
N VAL B 51 -13.03 22.61 -3.93
CA VAL B 51 -14.07 23.18 -3.07
C VAL B 51 -14.29 24.65 -3.40
N LEU B 52 -15.41 25.19 -2.92
CA LEU B 52 -15.70 26.61 -3.09
C LEU B 52 -16.26 27.19 -1.80
N LYS B 53 -15.94 28.45 -1.54
CA LYS B 53 -16.42 29.14 -0.35
C LYS B 53 -17.77 29.78 -0.62
N ASP B 54 -18.84 29.13 -0.18
CA ASP B 54 -20.18 29.69 -0.33
C ASP B 54 -20.42 30.82 0.66
N LYS B 55 -21.11 31.85 0.20
CA LYS B 55 -21.44 33.02 1.01
C LYS B 55 -22.08 32.62 2.34
N GLN B 56 -22.97 31.64 2.30
CA GLN B 56 -23.82 31.31 3.45
C GLN B 56 -23.59 29.91 4.01
N ALA B 57 -23.50 28.91 3.13
CA ALA B 57 -23.42 27.51 3.55
C ALA B 57 -22.03 27.11 4.05
N GLY B 58 -21.03 27.94 3.78
CA GLY B 58 -19.66 27.64 4.17
C GLY B 58 -18.88 27.05 3.00
N TYR B 59 -18.09 26.02 3.28
CA TYR B 59 -17.31 25.37 2.23
C TYR B 59 -18.07 24.19 1.60
N LEU B 60 -18.18 24.21 0.27
CA LEU B 60 -18.90 23.17 -0.46
C LEU B 60 -18.00 22.45 -1.45
N LEU B 61 -18.39 21.24 -1.83
CA LEU B 61 -17.65 20.47 -2.81
C LEU B 61 -18.04 20.87 -4.24
N THR B 62 -17.05 21.03 -5.10
CA THR B 62 -17.29 21.15 -6.53
C THR B 62 -17.54 19.75 -7.05
N LYS B 63 -18.00 19.64 -8.29
CA LYS B 63 -18.25 18.32 -8.89
C LYS B 63 -16.95 17.50 -8.93
N LYS B 64 -15.83 18.18 -9.16
CA LYS B 64 -14.52 17.52 -9.16
C LYS B 64 -14.22 16.95 -7.77
N GLY B 65 -14.69 17.64 -6.74
CA GLY B 65 -14.47 17.23 -5.37
C GLY B 65 -15.36 16.08 -4.94
N GLN B 66 -16.58 16.03 -5.49
CA GLN B 66 -17.49 14.93 -5.21
C GLN B 66 -16.91 13.64 -5.79
N ILE B 67 -16.42 13.71 -7.02
CA ILE B 67 -15.81 12.57 -7.69
C ILE B 67 -14.60 12.06 -6.92
N LEU B 68 -13.72 12.97 -6.53
CA LEU B 68 -12.51 12.61 -5.82
C LEU B 68 -12.82 12.08 -4.42
N ALA B 69 -13.88 12.62 -3.82
CA ALA B 69 -14.32 12.17 -2.50
C ALA B 69 -14.96 10.79 -2.58
N SER B 70 -15.81 10.59 -3.58
CA SER B 70 -16.44 9.30 -3.82
C SER B 70 -15.36 8.24 -4.08
N SER B 71 -14.33 8.65 -4.80
CA SER B 71 -13.22 7.75 -5.12
C SER B 71 -12.43 7.37 -3.88
N LEU B 72 -12.18 8.34 -3.02
CA LEU B 72 -11.47 8.08 -1.77
C LEU B 72 -12.24 7.16 -0.85
N TYR B 73 -13.56 7.32 -0.82
CA TYR B 73 -14.41 6.46 0.02
C TYR B 73 -14.35 4.98 -0.40
N ARG B 74 -14.45 4.75 -1.71
CA ARG B 74 -14.38 3.39 -2.24
C ARG B 74 -13.04 2.72 -1.95
N LYS B 75 -11.95 3.47 -2.16
CA LYS B 75 -10.61 2.95 -1.88
C LYS B 75 -10.40 2.72 -0.39
N HIS B 76 -10.84 3.67 0.42
CA HIS B 76 -10.69 3.58 1.85
C HIS B 76 -11.42 2.37 2.43
N ARG B 77 -12.65 2.15 1.96
CA ARG B 77 -13.49 1.08 2.49
C ARG B 77 -13.11 -0.28 1.91
N LEU B 78 -12.68 -0.29 0.66
CA LEU B 78 -12.22 -1.52 0.02
C LEU B 78 -10.93 -2.00 0.71
N ILE B 79 -10.10 -1.06 1.13
CA ILE B 79 -8.83 -1.39 1.78
C ILE B 79 -9.02 -1.90 3.20
N GLU B 80 -9.97 -1.33 3.93
CA GLU B 80 -10.18 -1.75 5.32
C GLU B 80 -10.96 -3.06 5.41
N VAL B 81 -11.68 -3.41 4.34
CA VAL B 81 -12.30 -4.73 4.25
C VAL B 81 -11.22 -5.80 4.14
N PHE B 82 -10.18 -5.50 3.37
CA PHE B 82 -9.06 -6.42 3.17
C PHE B 82 -8.21 -6.53 4.42
N LEU B 83 -7.93 -5.38 5.04
CA LEU B 83 -7.08 -5.34 6.21
C LEU B 83 -7.67 -6.11 7.38
N MSE B 84 -8.99 -6.06 7.49
CA MSE B 84 -9.70 -6.67 8.61
C MSE B 84 -9.99 -8.15 8.36
O MSE B 84 -9.78 -9.00 9.23
CB MSE B 84 -10.98 -5.90 8.90
CG MSE B 84 -11.85 -6.48 10.01
SE MSE B 84 -13.19 -5.20 10.63
CE MSE B 84 -11.99 -3.92 11.46
N ASN B 85 -10.48 -8.46 7.16
CA ASN B 85 -10.92 -9.81 6.84
C ASN B 85 -9.79 -10.76 6.41
N HIS B 86 -8.67 -10.19 5.97
CA HIS B 86 -7.58 -10.99 5.43
C HIS B 86 -6.28 -10.83 6.21
N LEU B 87 -5.91 -9.59 6.52
CA LEU B 87 -4.67 -9.32 7.25
C LEU B 87 -4.90 -9.27 8.76
N ASN B 88 -6.16 -9.44 9.16
CA ASN B 88 -6.49 -9.57 10.57
C ASN B 88 -6.25 -8.31 11.40
N TYR B 89 -6.46 -7.15 10.78
CA TYR B 89 -6.41 -5.89 11.49
C TYR B 89 -7.60 -5.77 12.43
N THR B 90 -7.41 -5.10 13.56
CA THR B 90 -8.51 -4.78 14.47
C THR B 90 -9.10 -3.44 14.06
N ALA B 91 -10.30 -3.15 14.54
CA ALA B 91 -11.00 -1.92 14.18
C ALA B 91 -10.20 -0.65 14.46
N ASP B 92 -9.43 -0.66 15.55
CA ASP B 92 -8.64 0.50 15.94
C ASP B 92 -7.32 0.63 15.18
N GLU B 93 -7.07 -0.27 14.25
CA GLU B 93 -5.80 -0.30 13.53
C GLU B 93 -5.96 0.03 12.04
N ILE B 94 -7.16 -0.21 11.53
CA ILE B 94 -7.43 -0.11 10.10
C ILE B 94 -7.29 1.29 9.52
N HIS B 95 -7.76 2.29 10.25
CA HIS B 95 -7.85 3.64 9.69
C HIS B 95 -6.53 4.22 9.20
N GLU B 96 -5.50 4.15 10.06
CA GLU B 96 -4.20 4.71 9.72
C GLU B 96 -3.53 4.02 8.53
N GLU B 97 -3.74 2.71 8.42
CA GLU B 97 -3.15 1.94 7.32
C GLU B 97 -3.90 2.19 6.00
N ALA B 98 -5.23 2.16 6.08
CA ALA B 98 -6.06 2.35 4.90
C ALA B 98 -5.96 3.79 4.40
N GLU B 99 -5.45 4.66 5.25
CA GLU B 99 -5.35 6.07 4.97
C GLU B 99 -4.16 6.33 4.06
N VAL B 100 -3.01 5.77 4.44
CA VAL B 100 -1.79 5.87 3.64
C VAL B 100 -1.97 5.19 2.28
N LEU B 101 -2.67 4.07 2.27
CA LEU B 101 -2.81 3.27 1.05
C LEU B 101 -3.78 3.87 0.03
N GLU B 102 -4.76 4.63 0.51
CA GLU B 102 -5.75 5.22 -0.39
C GLU B 102 -5.16 6.33 -1.27
N HIS B 103 -3.94 6.74 -0.96
CA HIS B 103 -3.26 7.79 -1.71
C HIS B 103 -2.07 7.25 -2.50
N THR B 104 -1.78 5.96 -2.30
CA THR B 104 -0.63 5.33 -2.93
C THR B 104 -1.00 3.95 -3.45
N VAL B 105 -2.02 3.89 -4.29
CA VAL B 105 -2.49 2.63 -4.85
C VAL B 105 -3.14 2.85 -6.20
N SER B 106 -2.68 2.11 -7.20
CA SER B 106 -3.17 2.29 -8.57
C SER B 106 -4.63 1.92 -8.71
N ASP B 107 -5.27 2.41 -9.78
CA ASP B 107 -6.65 2.05 -10.09
C ASP B 107 -6.72 0.55 -10.34
N VAL B 108 -5.72 0.01 -11.03
CA VAL B 108 -5.65 -1.42 -11.31
C VAL B 108 -5.63 -2.22 -10.02
N PHE B 109 -4.86 -1.75 -9.05
CA PHE B 109 -4.80 -2.40 -7.75
C PHE B 109 -6.18 -2.39 -7.11
N VAL B 110 -6.75 -1.19 -7.01
CA VAL B 110 -8.06 -1.01 -6.41
C VAL B 110 -9.11 -1.89 -7.08
N GLU B 111 -9.20 -1.78 -8.40
CA GLU B 111 -10.27 -2.45 -9.13
C GLU B 111 -10.04 -3.96 -9.31
N ARG B 112 -8.85 -4.42 -8.97
CA ARG B 112 -8.56 -5.86 -8.93
C ARG B 112 -8.76 -6.43 -7.53
N LEU B 113 -8.40 -5.65 -6.51
CA LEU B 113 -8.65 -6.04 -5.13
C LEU B 113 -10.16 -6.20 -4.90
N ASP B 114 -10.94 -5.39 -5.61
CA ASP B 114 -12.40 -5.48 -5.56
C ASP B 114 -12.83 -6.89 -5.96
N LYS B 115 -12.36 -7.35 -7.11
CA LYS B 115 -12.64 -8.70 -7.57
C LYS B 115 -12.14 -9.73 -6.57
N PHE B 116 -10.97 -9.46 -6.00
CA PHE B 116 -10.37 -10.34 -5.01
C PHE B 116 -11.29 -10.53 -3.79
N LEU B 117 -11.90 -9.42 -3.35
CA LEU B 117 -12.80 -9.45 -2.20
C LEU B 117 -14.21 -9.86 -2.60
N ASN B 118 -14.37 -10.28 -3.85
CA ASN B 118 -15.67 -10.68 -4.38
C ASN B 118 -16.70 -9.55 -4.38
N TYR B 119 -16.21 -8.33 -4.58
CA TYR B 119 -17.08 -7.16 -4.74
C TYR B 119 -17.96 -6.88 -3.51
N PRO B 120 -17.31 -6.58 -2.36
CA PRO B 120 -18.07 -6.22 -1.16
C PRO B 120 -18.80 -4.89 -1.38
N LYS B 121 -19.94 -4.73 -0.72
CA LYS B 121 -20.75 -3.52 -0.89
C LYS B 121 -20.78 -2.65 0.36
N VAL B 122 -20.23 -3.16 1.45
CA VAL B 122 -20.17 -2.41 2.70
C VAL B 122 -18.88 -2.66 3.46
N CYS B 123 -18.34 -1.61 4.07
CA CYS B 123 -17.14 -1.74 4.89
C CYS B 123 -17.56 -2.15 6.30
N PRO B 124 -16.59 -2.42 7.18
CA PRO B 124 -16.87 -2.82 8.56
C PRO B 124 -17.71 -1.79 9.31
N HIS B 125 -17.74 -0.55 8.83
CA HIS B 125 -18.56 0.49 9.45
C HIS B 125 -20.00 0.45 8.95
N GLY B 126 -20.23 -0.29 7.87
CA GLY B 126 -21.54 -0.39 7.28
C GLY B 126 -21.74 0.63 6.18
N GLY B 127 -20.67 1.33 5.83
CA GLY B 127 -20.72 2.33 4.77
C GLY B 127 -20.68 1.69 3.39
N THR B 128 -21.51 2.21 2.49
CA THR B 128 -21.62 1.68 1.14
C THR B 128 -20.32 1.83 0.35
N ILE B 129 -20.01 0.83 -0.47
CA ILE B 129 -18.86 0.88 -1.37
C ILE B 129 -19.32 1.08 -2.82
N PRO B 130 -19.20 2.31 -3.34
CA PRO B 130 -19.63 2.61 -4.71
C PRO B 130 -18.73 1.94 -5.75
N GLN B 131 -19.25 1.74 -6.95
CA GLN B 131 -18.45 1.18 -8.03
C GLN B 131 -17.56 2.25 -8.65
N HIS B 132 -16.59 1.81 -9.46
CA HIS B 132 -15.64 2.72 -10.11
C HIS B 132 -16.36 3.86 -10.83
N GLY B 133 -16.04 5.09 -10.44
CA GLY B 133 -16.61 6.26 -11.07
C GLY B 133 -18.05 6.57 -10.66
N GLN B 134 -18.52 5.91 -9.62
CA GLN B 134 -19.87 6.17 -9.12
C GLN B 134 -19.85 7.01 -7.86
N PRO B 135 -20.70 8.05 -7.82
CA PRO B 135 -20.78 8.90 -6.63
C PRO B 135 -21.30 8.12 -5.44
N LEU B 136 -20.69 8.32 -4.27
CA LEU B 136 -21.09 7.62 -3.06
C LEU B 136 -22.51 7.97 -2.65
N VAL B 137 -23.39 6.99 -2.67
CA VAL B 137 -24.75 7.17 -2.17
C VAL B 137 -25.02 6.17 -1.06
N GLU B 138 -24.90 6.63 0.19
CA GLU B 138 -25.01 5.76 1.35
C GLU B 138 -26.35 5.02 1.40
N ARG B 139 -26.26 3.71 1.68
CA ARG B 139 -27.43 2.86 1.84
C ARG B 139 -28.17 3.21 3.12
N TYR B 140 -27.42 3.62 4.13
CA TYR B 140 -27.98 3.92 5.43
C TYR B 140 -27.75 5.39 5.80
N ARG B 141 -28.81 6.17 5.73
CA ARG B 141 -28.73 7.61 5.96
C ARG B 141 -29.50 8.04 7.22
N THR B 142 -30.34 7.16 7.73
CA THR B 142 -31.18 7.51 8.88
C THR B 142 -30.38 7.51 10.18
N THR B 143 -30.28 8.69 10.80
CA THR B 143 -29.57 8.86 12.06
C THR B 143 -30.52 8.69 13.24
N LEU B 144 -30.05 8.01 14.28
CA LEU B 144 -30.83 7.84 15.50
C LEU B 144 -31.34 9.18 16.01
N LYS B 145 -30.49 10.19 15.95
CA LYS B 145 -30.88 11.54 16.31
C LYS B 145 -31.97 12.03 15.37
N GLY B 146 -33.07 12.51 15.93
CA GLY B 146 -34.19 12.99 15.14
C GLY B 146 -35.26 11.94 14.93
N VAL B 147 -34.93 10.69 15.22
CA VAL B 147 -35.89 9.59 15.09
C VAL B 147 -37.10 9.78 15.99
N THR B 148 -38.30 9.59 15.44
CA THR B 148 -39.55 9.84 16.16
C THR B 148 -40.21 8.58 16.69
N GLU B 149 -40.34 7.57 15.83
CA GLU B 149 -41.03 6.34 16.20
C GLU B 149 -40.23 5.48 17.17
N MSE B 150 -40.91 4.94 18.18
CA MSE B 150 -40.30 4.04 19.14
C MSE B 150 -40.44 2.60 18.64
O MSE B 150 -41.11 2.35 17.63
CB MSE B 150 -40.93 4.21 20.51
CG MSE B 150 -40.97 5.65 21.00
SE MSE B 150 -39.20 6.46 21.10
CE MSE B 150 -39.72 8.30 21.50
N GLY B 151 -39.82 1.66 19.35
CA GLY B 151 -39.86 0.27 18.94
C GLY B 151 -38.48 -0.29 18.62
N VAL B 152 -38.46 -1.39 17.87
CA VAL B 152 -37.21 -2.09 17.58
C VAL B 152 -36.47 -1.54 16.35
N TYR B 153 -35.16 -1.34 16.49
CA TYR B 153 -34.32 -0.90 15.39
C TYR B 153 -33.09 -1.80 15.27
N LEU B 154 -32.51 -1.82 14.08
CA LEU B 154 -31.24 -2.53 13.87
C LEU B 154 -30.14 -1.51 13.60
N LEU B 155 -29.01 -1.68 14.29
CA LEU B 155 -27.84 -0.83 14.06
C LEU B 155 -27.15 -1.28 12.77
N LYS B 156 -27.30 -0.49 11.71
CA LYS B 156 -26.79 -0.88 10.39
C LYS B 156 -25.46 -0.23 10.02
N ARG B 157 -25.24 1.00 10.47
CA ARG B 157 -24.04 1.75 10.10
C ARG B 157 -23.58 2.75 11.16
N VAL B 158 -22.26 2.89 11.27
CA VAL B 158 -21.65 3.87 12.18
C VAL B 158 -20.55 4.62 11.43
N GLN B 159 -20.14 5.75 11.99
CA GLN B 159 -19.10 6.56 11.35
C GLN B 159 -17.70 6.02 11.59
N ASP B 160 -16.80 6.38 10.69
CA ASP B 160 -15.39 6.08 10.86
C ASP B 160 -14.84 7.02 11.92
N ASN B 161 -14.95 6.62 13.18
CA ASN B 161 -14.61 7.50 14.28
C ASN B 161 -14.03 6.74 15.44
N PHE B 162 -12.77 7.01 15.77
CA PHE B 162 -12.10 6.27 16.83
C PHE B 162 -12.83 6.35 18.17
N GLN B 163 -13.26 7.55 18.56
CA GLN B 163 -13.95 7.74 19.82
C GLN B 163 -15.28 6.96 19.85
N LEU B 164 -15.96 6.93 18.72
CA LEU B 164 -17.20 6.19 18.60
C LEU B 164 -16.95 4.70 18.72
N LEU B 165 -15.77 4.28 18.29
CA LEU B 165 -15.36 2.89 18.39
C LEU B 165 -15.21 2.49 19.85
N LYS B 166 -14.54 3.33 20.62
CA LYS B 166 -14.34 3.07 22.04
C LYS B 166 -15.65 3.12 22.81
N TYR B 167 -16.58 3.96 22.35
CA TYR B 167 -17.90 4.04 22.94
C TYR B 167 -18.63 2.72 22.75
N MSE B 168 -18.59 2.20 21.52
CA MSE B 168 -19.26 0.95 21.19
C MSE B 168 -18.62 -0.25 21.87
O MSE B 168 -19.26 -1.29 22.06
CB MSE B 168 -19.28 0.75 19.67
CG MSE B 168 -20.02 1.86 18.93
SE MSE B 168 -19.81 1.74 16.99
CE MSE B 168 -20.68 0.01 16.72
N GLU B 169 -17.35 -0.11 22.25
CA GLU B 169 -16.66 -1.17 22.99
C GLU B 169 -17.08 -1.19 24.45
N GLN B 170 -17.07 -0.02 25.09
CA GLN B 170 -17.41 0.09 26.49
C GLN B 170 -18.93 -0.06 26.73
N HIS B 171 -19.68 -0.19 25.65
CA HIS B 171 -21.13 -0.38 25.76
C HIS B 171 -21.61 -1.63 25.02
N HIS B 172 -20.68 -2.34 24.40
CA HIS B 172 -20.98 -3.60 23.73
C HIS B 172 -21.98 -3.44 22.58
N LEU B 173 -21.76 -2.43 21.75
CA LEU B 173 -22.56 -2.22 20.56
C LEU B 173 -21.84 -2.74 19.32
N LYS B 174 -22.55 -3.52 18.51
CA LYS B 174 -22.03 -4.04 17.25
C LYS B 174 -23.01 -3.78 16.13
N ILE B 175 -22.49 -3.64 14.91
CA ILE B 175 -23.34 -3.53 13.73
C ILE B 175 -24.21 -4.77 13.60
N GLY B 176 -25.52 -4.58 13.47
CA GLY B 176 -26.45 -5.69 13.35
C GLY B 176 -27.19 -5.97 14.63
N ASP B 177 -26.84 -5.24 15.68
CA ASP B 177 -27.50 -5.39 16.98
C ASP B 177 -28.91 -4.84 16.97
N GLU B 178 -29.83 -5.55 17.63
CA GLU B 178 -31.19 -5.07 17.82
C GLU B 178 -31.25 -4.24 19.09
N LEU B 179 -31.61 -2.96 18.95
CA LEU B 179 -31.80 -2.10 20.11
C LEU B 179 -33.18 -1.46 20.08
N ARG B 180 -33.90 -1.56 21.19
CA ARG B 180 -35.25 -1.03 21.28
C ARG B 180 -35.24 0.40 21.83
N LEU B 181 -35.70 1.34 21.01
CA LEU B 181 -35.80 2.73 21.44
C LEU B 181 -37.04 2.95 22.29
N LEU B 182 -36.82 3.25 23.57
CA LEU B 182 -37.92 3.39 24.51
C LEU B 182 -38.53 4.80 24.47
N GLU B 183 -37.66 5.80 24.47
CA GLU B 183 -38.11 7.19 24.51
C GLU B 183 -36.93 8.13 24.26
N TYR B 184 -37.24 9.39 23.98
CA TYR B 184 -36.22 10.42 23.95
C TYR B 184 -36.32 11.30 25.20
N ASP B 185 -35.37 11.12 26.12
CA ASP B 185 -35.33 11.94 27.32
C ASP B 185 -34.94 13.37 26.96
N ALA B 186 -35.93 14.26 26.91
CA ALA B 186 -35.70 15.65 26.57
C ALA B 186 -34.82 16.31 27.64
N PHE B 187 -35.11 16.00 28.90
CA PHE B 187 -34.35 16.54 30.02
C PHE B 187 -32.88 16.14 29.94
N ALA B 188 -32.63 14.87 29.69
CA ALA B 188 -31.26 14.37 29.58
C ALA B 188 -30.63 14.75 28.24
N GLY B 189 -31.45 14.91 27.22
CA GLY B 189 -30.95 15.16 25.88
C GLY B 189 -30.33 13.90 25.33
N ALA B 190 -30.94 12.76 25.63
CA ALA B 190 -30.41 11.46 25.25
C ALA B 190 -31.52 10.51 24.88
N TYR B 191 -31.29 9.70 23.85
CA TYR B 191 -32.25 8.68 23.45
C TYR B 191 -32.06 7.44 24.32
N THR B 192 -33.11 7.07 25.05
CA THR B 192 -33.04 5.91 25.94
C THR B 192 -33.42 4.62 25.19
N ILE B 193 -32.45 3.74 25.04
CA ILE B 193 -32.66 2.50 24.30
C ILE B 193 -32.44 1.28 25.19
N GLU B 194 -32.97 0.14 24.75
CA GLU B 194 -32.84 -1.10 25.50
C GLU B 194 -32.18 -2.18 24.65
N LYS B 195 -31.12 -2.78 25.19
CA LYS B 195 -30.41 -3.86 24.53
C LYS B 195 -30.13 -4.99 25.50
N ASP B 196 -30.61 -6.19 25.18
CA ASP B 196 -30.39 -7.36 26.02
C ASP B 196 -30.91 -7.18 27.45
N GLY B 197 -31.99 -6.42 27.58
CA GLY B 197 -32.61 -6.21 28.88
C GLY B 197 -31.85 -5.21 29.73
N GLU B 198 -31.10 -4.34 29.08
CA GLU B 198 -30.32 -3.33 29.78
C GLU B 198 -30.49 -1.96 29.12
N GLN B 199 -30.91 -0.98 29.91
CA GLN B 199 -31.13 0.37 29.39
C GLN B 199 -29.83 1.15 29.25
N LEU B 200 -29.73 1.91 28.16
CA LEU B 200 -28.61 2.82 27.95
C LEU B 200 -29.13 4.14 27.41
N GLN B 201 -28.66 5.24 27.96
CA GLN B 201 -28.99 6.55 27.43
C GLN B 201 -27.90 6.99 26.45
N VAL B 202 -28.32 7.28 25.22
CA VAL B 202 -27.40 7.72 24.18
C VAL B 202 -27.58 9.21 23.93
N THR B 203 -26.61 10.01 24.36
CA THR B 203 -26.65 11.45 24.16
C THR B 203 -26.81 11.74 22.67
N SER B 204 -27.59 12.78 22.35
CA SER B 204 -27.86 13.11 20.96
C SER B 204 -26.59 13.36 20.16
N ALA B 205 -25.50 13.72 20.86
CA ALA B 205 -24.21 13.87 20.22
C ALA B 205 -23.77 12.56 19.59
N VAL B 206 -23.85 11.48 20.37
CA VAL B 206 -23.49 10.15 19.90
C VAL B 206 -24.50 9.64 18.90
N ALA B 207 -25.77 9.97 19.14
CA ALA B 207 -26.87 9.47 18.31
C ALA B 207 -26.78 9.97 16.87
N SER B 208 -26.02 11.05 16.67
CA SER B 208 -25.88 11.65 15.35
C SER B 208 -24.82 10.93 14.52
N GLN B 209 -24.01 10.11 15.18
CA GLN B 209 -22.93 9.38 14.51
C GLN B 209 -23.32 7.93 14.27
N ILE B 210 -24.58 7.62 14.53
CA ILE B 210 -25.10 6.26 14.39
C ILE B 210 -26.27 6.22 13.42
N TYR B 211 -26.37 5.12 12.67
CA TYR B 211 -27.45 4.97 11.69
C TYR B 211 -28.24 3.70 11.96
N ILE B 212 -29.56 3.81 11.93
CA ILE B 212 -30.44 2.69 12.27
C ILE B 212 -31.51 2.43 11.20
N GLU B 213 -32.20 1.31 11.33
CA GLU B 213 -33.27 0.94 10.42
C GLU B 213 -34.25 0.04 11.15
N LYS B 214 -35.55 0.25 10.93
CA LYS B 214 -36.58 -0.45 11.69
C LYS B 214 -36.91 -1.82 11.11
N LYS B 215 -37.43 -2.71 11.94
CA LYS B 215 -37.76 -4.07 11.52
C LYS B 215 -39.06 -4.14 10.73
ZN ZN C . 11.93 1.89 -3.78
ZN ZN D . 11.31 -10.20 -6.98
ZN ZN E . 10.57 -4.70 -8.59
ZN ZN F . 9.18 -6.26 9.32
ZN ZN G . 13.30 -20.41 -29.30
ZN ZN H . -6.89 10.07 2.79
ZN ZN I . -15.60 1.99 6.87
ZN ZN J . -10.86 5.04 8.35
C1 EDO K . -8.94 -12.50 -8.04
O1 EDO K . -10.28 -12.66 -8.46
C2 EDO K . -8.34 -11.24 -8.62
O2 EDO K . -8.35 -11.29 -10.03
H11 EDO K . -8.42 -13.27 -8.32
H12 EDO K . -8.92 -12.45 -7.06
HO1 EDO K . -10.64 -13.37 -8.05
H21 EDO K . -8.86 -10.47 -8.32
H22 EDO K . -7.42 -11.15 -8.31
HO2 EDO K . -7.95 -10.56 -10.35
#